data_5V2Q
#
_entry.id   5V2Q
#
_cell.length_a   54.975
_cell.length_b   61.920
_cell.length_c   129.877
_cell.angle_alpha   90.00
_cell.angle_beta   90.00
_cell.angle_gamma   90.00
#
_symmetry.space_group_name_H-M   'P 21 21 21'
#
loop_
_entity.id
_entity.type
_entity.pdbx_description
1 polymer 'Voltage-dependent L-type calcium channel subunit beta-2,Voltage-dependent L-type calcium channel subunit beta-2'
2 polymer 'Voltage-dependent L-type calcium channel subunit alpha-1C'
3 non-polymer 'CHLORIDE ION'
4 non-polymer 1,3-bis(bromomethyl)benzene
5 water water
#
loop_
_entity_poly.entity_id
_entity_poly.type
_entity_poly.pdbx_seq_one_letter_code
_entity_poly.pdbx_strand_id
1 'polypeptide(L)'
;GSADSYTSRPSDSDVSLEEDREAVRREAERQAQAQLEKAKTKPVAFAVRTNVRYSAAQEDDVPVPGMAISFEAKDFLHVK
EKFNNDWWIGRLVKEGCEIGFIPSPVKLENMRLQHEQRAKQGSSKEKRMPFFKKTEHTPPYDVVPSMRPVVLVGPSLKGY
EVTDMMQKALFDFLKHRFEGRISITRVTADISLAKRSVLNNPSKHAIIERSNTRSSLAEVQSEIERIFELARTLQLVVLD
ADTINHPAQLSKTSLAPIIVYVKISSPKVLQRLIKSRGKSQAKHLNVQMVAADKLAQCPPQESFDVILDENQLEDACEHL
ADYLEAYWKATHPPSSNLPNPLLSRT
;
A
2 'polypeptide(L)' ASPLEEDLCGYLCWITQAE B
#
loop_
_chem_comp.id
_chem_comp.type
_chem_comp.name
_chem_comp.formula
8VY non-polymer 1,3-bis(bromomethyl)benzene 'C8 H8 Br2'
CL non-polymer 'CHLORIDE ION' 'Cl -1'
#
# COMPACT_ATOMS: atom_id res chain seq x y z
N ALA A 23 14.33 28.50 -29.93
CA ALA A 23 15.10 27.70 -30.91
C ALA A 23 16.13 26.73 -30.28
N VAL A 24 16.95 27.21 -29.33
CA VAL A 24 17.79 26.32 -28.48
C VAL A 24 16.85 25.49 -27.56
N ARG A 25 15.72 26.14 -27.30
CA ARG A 25 14.66 25.76 -26.40
C ARG A 25 13.69 24.76 -27.04
N ARG A 26 13.34 24.94 -28.32
CA ARG A 26 12.51 23.95 -29.04
C ARG A 26 13.35 22.67 -29.18
N GLU A 27 14.65 22.80 -29.44
CA GLU A 27 15.51 21.60 -29.49
C GLU A 27 15.62 20.90 -28.12
N ALA A 28 15.78 21.68 -27.05
CA ALA A 28 15.77 21.10 -25.72
C ALA A 28 14.41 20.38 -25.39
N GLU A 29 13.26 20.97 -25.74
CA GLU A 29 11.96 20.33 -25.53
C GLU A 29 11.85 19.01 -26.31
N ARG A 30 12.36 19.00 -27.53
CA ARG A 30 12.40 17.78 -28.32
C ARG A 30 13.19 16.68 -27.65
N GLN A 31 14.40 16.98 -27.18
CA GLN A 31 15.24 15.95 -26.53
C GLN A 31 14.55 15.42 -25.25
N ALA A 32 13.87 16.34 -24.53
CA ALA A 32 13.04 15.97 -23.36
C ALA A 32 11.83 15.09 -23.69
N GLN A 33 11.04 15.48 -24.67
CA GLN A 33 9.92 14.65 -25.12
C GLN A 33 10.36 13.25 -25.51
N ALA A 34 11.48 13.20 -26.22
CA ALA A 34 12.03 11.94 -26.68
C ALA A 34 12.44 11.11 -25.52
N GLN A 35 13.03 11.73 -24.49
CA GLN A 35 13.41 10.93 -23.32
C GLN A 35 12.17 10.33 -22.65
N LEU A 36 11.12 11.14 -22.55
CA LEU A 36 9.83 10.73 -22.01
C LEU A 36 9.23 9.54 -22.77
N GLU A 37 9.19 9.62 -24.11
CA GLU A 37 8.81 8.50 -24.95
C GLU A 37 9.51 7.22 -24.59
N LYS A 38 10.84 7.23 -24.63
CA LYS A 38 11.60 6.06 -24.24
C LYS A 38 11.35 5.58 -22.80
N ALA A 39 10.97 6.47 -21.88
CA ALA A 39 10.80 6.02 -20.51
C ALA A 39 9.48 5.24 -20.33
N LYS A 40 8.54 5.34 -21.27
CA LYS A 40 7.19 4.72 -21.10
C LYS A 40 7.27 3.26 -20.80
N THR A 41 8.28 2.60 -21.38
CA THR A 41 8.34 1.15 -21.33
C THR A 41 9.49 0.67 -20.47
N LYS A 42 10.17 1.57 -19.77
CA LYS A 42 11.18 1.19 -18.84
C LYS A 42 10.61 0.68 -17.51
N PRO A 43 11.41 -0.05 -16.77
CA PRO A 43 10.95 -0.52 -15.48
C PRO A 43 10.92 0.60 -14.47
N VAL A 44 10.15 0.38 -13.41
CA VAL A 44 10.08 1.30 -12.27
C VAL A 44 11.32 1.10 -11.45
N ALA A 45 12.09 2.16 -11.29
CA ALA A 45 13.34 2.16 -10.52
C ALA A 45 13.04 2.17 -9.04
N PHE A 46 12.08 2.99 -8.63
CA PHE A 46 11.62 3.00 -7.23
C PHE A 46 10.31 3.74 -7.14
N ALA A 47 9.69 3.67 -5.95
CA ALA A 47 8.45 4.36 -5.69
C ALA A 47 8.66 5.30 -4.51
N VAL A 48 7.91 6.38 -4.50
CA VAL A 48 7.84 7.30 -3.36
C VAL A 48 6.40 7.54 -2.91
N ARG A 49 6.27 7.84 -1.65
CA ARG A 49 5.10 8.40 -1.07
C ARG A 49 5.37 9.84 -0.74
N THR A 50 4.49 10.76 -1.18
CA THR A 50 4.78 12.18 -1.00
C THR A 50 4.37 12.69 0.37
N ASN A 51 5.15 13.62 0.87
CA ASN A 51 4.88 14.28 2.17
C ASN A 51 4.33 15.64 1.98
N VAL A 52 4.38 16.13 0.74
CA VAL A 52 3.97 17.48 0.38
C VAL A 52 3.10 17.41 -0.85
N ARG A 53 2.39 18.48 -1.09
CA ARG A 53 1.67 18.63 -2.33
C ARG A 53 2.47 19.46 -3.39
N TYR A 54 2.23 19.24 -4.67
CA TYR A 54 2.91 20.01 -5.74
C TYR A 54 1.82 20.29 -6.75
N SER A 55 1.66 21.56 -7.06
CA SER A 55 0.70 21.94 -8.07
C SER A 55 1.48 22.70 -9.12
N ALA A 56 1.63 22.08 -10.26
CA ALA A 56 2.50 22.59 -11.27
C ALA A 56 2.05 23.96 -11.79
N ALA A 57 3.01 24.78 -12.10
CA ALA A 57 2.80 26.11 -12.71
C ALA A 57 3.74 26.32 -13.84
N GLN A 58 3.34 27.20 -14.76
CA GLN A 58 4.13 27.48 -15.97
C GLN A 58 5.56 27.96 -15.59
N GLU A 59 5.67 28.77 -14.54
CA GLU A 59 6.99 29.29 -14.14
C GLU A 59 7.94 28.25 -13.54
N ASP A 60 7.49 27.00 -13.39
CA ASP A 60 8.38 25.93 -12.89
C ASP A 60 9.38 25.48 -13.93
N ASP A 61 9.19 25.90 -15.18
CA ASP A 61 10.16 25.63 -16.22
C ASP A 61 10.33 24.11 -16.40
N VAL A 62 9.20 23.49 -16.77
CA VAL A 62 9.13 22.04 -16.92
C VAL A 62 9.86 21.68 -18.23
N PRO A 63 10.66 20.58 -18.25
CA PRO A 63 11.37 20.22 -19.51
C PRO A 63 10.48 20.12 -20.77
N VAL A 64 9.27 19.59 -20.61
CA VAL A 64 8.20 19.76 -21.59
C VAL A 64 7.02 20.44 -20.96
N PRO A 65 6.79 21.70 -21.37
CA PRO A 65 5.65 22.44 -20.84
C PRO A 65 4.35 21.64 -20.89
N GLY A 66 3.61 21.72 -19.81
CA GLY A 66 2.37 20.98 -19.65
C GLY A 66 2.49 19.53 -19.19
N MET A 67 3.72 18.98 -19.06
CA MET A 67 3.92 17.55 -18.75
CA MET A 67 3.88 17.55 -18.73
C MET A 67 4.41 17.27 -17.31
N ALA A 68 4.28 18.24 -16.42
CA ALA A 68 4.61 18.04 -15.04
C ALA A 68 3.51 17.21 -14.34
N ILE A 69 3.94 16.34 -13.45
CA ILE A 69 3.00 15.53 -12.60
C ILE A 69 2.71 16.31 -11.31
N SER A 70 1.50 16.84 -11.18
CA SER A 70 1.04 17.43 -9.89
C SER A 70 0.57 16.30 -8.96
N PHE A 71 0.59 16.57 -7.64
CA PHE A 71 0.25 15.58 -6.68
C PHE A 71 -0.13 16.24 -5.36
N GLU A 72 -0.85 15.48 -4.52
CA GLU A 72 -1.16 15.87 -3.17
C GLU A 72 -0.27 15.15 -2.19
N ALA A 73 -0.26 15.55 -0.93
CA ALA A 73 0.51 14.81 0.07
C ALA A 73 -0.15 13.45 0.21
N LYS A 74 0.67 12.46 0.49
CA LYS A 74 0.31 11.05 0.71
C LYS A 74 -0.01 10.31 -0.63
N ASP A 75 0.35 10.90 -1.75
CA ASP A 75 0.15 10.26 -3.06
C ASP A 75 1.38 9.34 -3.30
N PHE A 76 1.26 8.38 -4.21
CA PHE A 76 2.31 7.49 -4.57
C PHE A 76 2.74 7.73 -6.03
N LEU A 77 4.05 7.76 -6.23
CA LEU A 77 4.62 7.92 -7.58
C LEU A 77 5.55 6.78 -7.86
N HIS A 78 5.53 6.31 -9.11
CA HIS A 78 6.49 5.38 -9.62
C HIS A 78 7.51 6.14 -10.48
N VAL A 79 8.77 5.99 -10.12
CA VAL A 79 9.87 6.78 -10.76
C VAL A 79 10.61 5.87 -11.68
N LYS A 80 10.77 6.30 -12.96
CA LYS A 80 11.49 5.51 -13.96
C LYS A 80 12.93 5.89 -14.02
N GLU A 81 13.19 7.19 -14.07
CA GLU A 81 14.59 7.66 -14.27
C GLU A 81 14.72 9.11 -13.95
N LYS A 82 15.97 9.48 -13.77
CA LYS A 82 16.39 10.87 -13.46
C LYS A 82 16.59 11.62 -14.77
N PHE A 83 15.91 12.72 -15.02
CA PHE A 83 16.08 13.45 -16.27
C PHE A 83 17.30 14.41 -16.05
N ASN A 84 17.27 15.20 -14.97
CA ASN A 84 18.42 16.05 -14.60
C ASN A 84 18.32 16.32 -13.09
N ASN A 85 19.13 17.23 -12.56
CA ASN A 85 19.09 17.56 -11.12
C ASN A 85 17.74 18.08 -10.58
N ASP A 86 16.95 18.67 -11.43
CA ASP A 86 15.69 19.22 -11.09
C ASP A 86 14.47 18.34 -11.37
N TRP A 87 14.59 17.33 -12.25
CA TRP A 87 13.42 16.60 -12.75
C TRP A 87 13.66 15.14 -12.87
N TRP A 88 12.69 14.35 -12.38
CA TRP A 88 12.64 12.93 -12.59
C TRP A 88 11.54 12.62 -13.58
N ILE A 89 11.53 11.43 -14.05
CA ILE A 89 10.47 11.00 -14.98
C ILE A 89 9.74 9.80 -14.31
N GLY A 90 8.44 9.92 -14.26
CA GLY A 90 7.56 8.91 -13.55
C GLY A 90 6.11 9.26 -13.62
N ARG A 91 5.28 8.52 -12.88
CA ARG A 91 3.85 8.72 -12.91
C ARG A 91 3.19 8.54 -11.57
N LEU A 92 2.03 9.16 -11.42
CA LEU A 92 1.14 8.88 -10.30
C LEU A 92 0.61 7.50 -10.42
N VAL A 93 0.54 6.79 -9.28
CA VAL A 93 0.05 5.41 -9.28
C VAL A 93 -1.48 5.42 -9.26
N LYS A 94 -2.05 5.59 -10.45
CA LYS A 94 -3.51 5.79 -10.55
C LYS A 94 -3.89 5.46 -11.99
N GLU A 95 -5.04 4.80 -12.17
CA GLU A 95 -5.42 4.34 -13.50
C GLU A 95 -5.62 5.54 -14.40
N GLY A 96 -5.15 5.45 -15.63
CA GLY A 96 -5.30 6.57 -16.56
C GLY A 96 -4.10 7.54 -16.54
N CYS A 97 -3.38 7.58 -15.43
CA CYS A 97 -2.21 8.50 -15.34
C CYS A 97 -1.00 7.93 -16.03
N GLU A 98 -0.39 8.77 -16.86
CA GLU A 98 0.82 8.39 -17.67
C GLU A 98 2.06 9.19 -17.20
N ILE A 99 3.19 8.79 -17.71
CA ILE A 99 4.45 9.38 -17.24
C ILE A 99 4.59 10.86 -17.67
N GLY A 100 5.36 11.56 -16.86
CA GLY A 100 5.59 12.97 -17.04
C GLY A 100 6.78 13.33 -16.14
N PHE A 101 6.92 14.60 -15.86
CA PHE A 101 8.08 15.08 -15.13
C PHE A 101 7.73 15.36 -13.68
N ILE A 102 8.54 14.85 -12.75
CA ILE A 102 8.24 14.98 -11.34
C ILE A 102 9.39 15.84 -10.82
N PRO A 103 9.08 16.88 -10.03
CA PRO A 103 10.22 17.68 -9.47
C PRO A 103 11.06 16.89 -8.47
N SER A 104 12.37 17.01 -8.61
CA SER A 104 13.32 16.43 -7.68
C SER A 104 13.18 17.17 -6.32
N PRO A 105 13.67 16.59 -5.23
CA PRO A 105 13.68 17.36 -3.97
C PRO A 105 14.45 18.74 -4.07
N VAL A 106 15.50 18.76 -4.86
CA VAL A 106 16.22 20.03 -5.11
C VAL A 106 15.32 21.07 -5.77
N LYS A 107 14.54 20.62 -6.75
CA LYS A 107 13.62 21.55 -7.41
C LYS A 107 12.48 21.99 -6.49
N LEU A 108 11.93 21.06 -5.72
CA LEU A 108 10.86 21.41 -4.77
C LEU A 108 11.36 22.44 -3.75
N GLU A 109 12.56 22.24 -3.28
CA GLU A 109 13.17 23.21 -2.30
C GLU A 109 13.43 24.58 -2.99
N ASN A 110 13.82 24.57 -4.27
CA ASN A 110 14.06 25.83 -4.98
C ASN A 110 12.72 26.58 -5.13
N MET A 111 11.66 25.87 -5.52
CA MET A 111 10.34 26.48 -5.63
C MET A 111 9.81 26.98 -4.31
N ARG A 112 10.01 26.21 -3.24
CA ARG A 112 9.66 26.66 -1.91
C ARG A 112 10.37 27.98 -1.56
N LEU A 113 11.66 28.10 -1.86
CA LEU A 113 12.38 29.35 -1.62
C LEU A 113 11.98 30.46 -2.56
N GLN A 114 11.61 30.17 -3.78
CA GLN A 114 11.04 31.21 -4.66
C GLN A 114 9.74 31.83 -4.04
N HIS A 115 8.90 30.99 -3.48
CA HIS A 115 7.67 31.46 -2.83
C HIS A 115 8.00 32.27 -1.62
N GLU A 116 8.92 31.75 -0.82
CA GLU A 116 9.33 32.45 0.41
C GLU A 116 9.98 33.82 0.08
N GLN A 117 10.85 33.89 -0.91
CA GLN A 117 11.41 35.17 -1.33
C GLN A 117 10.35 36.16 -1.91
N ARG A 118 9.38 35.67 -2.66
CA ARG A 118 8.31 36.51 -3.18
C ARG A 118 7.39 37.00 -2.04
N ALA A 119 7.16 36.13 -1.06
CA ALA A 119 6.33 36.45 0.09
C ALA A 119 6.98 37.48 1.04
N LYS A 120 8.33 37.58 1.06
CA LYS A 120 9.07 38.32 2.13
C LYS A 120 9.32 39.80 1.84
N PHE A 131 15.45 34.17 17.19
CA PHE A 131 16.81 33.58 17.17
C PHE A 131 16.80 32.08 17.48
N PHE A 132 15.88 31.63 18.35
CA PHE A 132 15.91 30.24 18.86
C PHE A 132 14.93 29.21 18.18
N LYS A 133 14.10 29.63 17.21
CA LYS A 133 13.09 28.76 16.56
C LYS A 133 13.66 27.74 15.56
N THR A 138 12.05 18.55 6.59
CA THR A 138 10.87 17.76 6.20
C THR A 138 11.03 17.16 4.75
N PRO A 139 11.58 15.96 4.56
CA PRO A 139 11.84 15.50 3.14
C PRO A 139 10.54 15.37 2.33
N PRO A 140 10.53 15.80 1.05
CA PRO A 140 9.24 15.70 0.37
C PRO A 140 8.79 14.29 -0.04
N TYR A 141 9.73 13.34 -0.13
CA TYR A 141 9.43 12.02 -0.61
C TYR A 141 10.02 11.01 0.35
N ASP A 142 9.27 9.96 0.62
CA ASP A 142 9.81 8.76 1.31
C ASP A 142 9.87 7.64 0.27
N VAL A 143 10.98 6.87 0.23
CA VAL A 143 11.06 5.71 -0.65
C VAL A 143 10.22 4.56 0.03
N VAL A 144 9.34 4.02 -0.77
CA VAL A 144 8.44 2.91 -0.34
C VAL A 144 8.46 1.77 -1.34
N PRO A 145 7.97 0.57 -0.95
CA PRO A 145 7.97 -0.53 -1.91
C PRO A 145 7.19 -0.17 -3.15
N SER A 146 7.63 -0.71 -4.28
CA SER A 146 6.99 -0.38 -5.58
C SER A 146 5.55 -0.86 -5.68
N MET A 147 5.24 -1.94 -4.98
CA MET A 147 3.84 -2.39 -4.73
C MET A 147 3.65 -2.37 -3.21
N ARG A 148 2.62 -1.72 -2.74
CA ARG A 148 2.37 -1.57 -1.33
C ARG A 148 2.01 -2.97 -0.80
N PRO A 149 2.72 -3.39 0.21
CA PRO A 149 2.40 -4.74 0.75
C PRO A 149 1.01 -4.76 1.43
N VAL A 150 0.24 -5.81 1.21
CA VAL A 150 -1.02 -5.95 1.86
C VAL A 150 -0.84 -6.55 3.25
N VAL A 151 -1.50 -5.96 4.24
CA VAL A 151 -1.43 -6.44 5.60
C VAL A 151 -2.85 -6.54 6.13
N LEU A 152 -3.15 -7.67 6.75
CA LEU A 152 -4.51 -7.92 7.30
CA LEU A 152 -4.48 -7.86 7.31
C LEU A 152 -4.47 -7.66 8.81
N VAL A 153 -5.43 -6.87 9.27
CA VAL A 153 -5.66 -6.63 10.70
C VAL A 153 -7.14 -6.90 11.01
N GLY A 154 -7.35 -7.48 12.19
CA GLY A 154 -8.66 -7.82 12.67
C GLY A 154 -9.11 -9.22 12.28
N PRO A 155 -10.25 -9.66 12.84
CA PRO A 155 -11.20 -8.84 13.58
C PRO A 155 -10.78 -8.56 15.01
N SER A 156 -9.85 -9.38 15.51
CA SER A 156 -9.29 -9.26 16.85
C SER A 156 -7.75 -9.55 16.76
N LEU A 157 -7.16 -10.11 17.79
CA LEU A 157 -5.73 -10.39 17.82
C LEU A 157 -5.36 -11.66 17.15
N LYS A 158 -4.22 -11.59 16.43
CA LYS A 158 -3.54 -12.73 15.84
C LYS A 158 -3.00 -13.64 16.97
N GLY A 159 -2.97 -14.91 16.68
CA GLY A 159 -2.56 -15.97 17.61
C GLY A 159 -3.69 -16.57 18.41
N TYR A 160 -4.93 -16.09 18.18
CA TYR A 160 -6.17 -16.64 18.70
C TYR A 160 -7.01 -17.13 17.53
N GLU A 161 -7.87 -18.13 17.78
CA GLU A 161 -8.51 -18.89 16.72
C GLU A 161 -9.41 -18.08 15.84
N VAL A 162 -10.22 -17.20 16.38
CA VAL A 162 -11.20 -16.51 15.51
C VAL A 162 -10.43 -15.70 14.38
N THR A 163 -9.47 -14.93 14.81
CA THR A 163 -8.73 -14.07 13.83
C THR A 163 -7.87 -14.96 12.95
N ASP A 164 -7.13 -15.92 13.52
CA ASP A 164 -6.30 -16.78 12.72
C ASP A 164 -7.11 -17.52 11.64
N MET A 165 -8.25 -18.11 11.98
CA MET A 165 -9.01 -18.91 11.02
C MET A 165 -9.63 -18.00 9.99
N MET A 166 -10.15 -16.85 10.40
CA MET A 166 -10.78 -15.94 9.46
C MET A 166 -9.76 -15.43 8.46
N GLN A 167 -8.60 -15.03 8.98
CA GLN A 167 -7.55 -14.59 8.06
C GLN A 167 -7.01 -15.67 7.18
N LYS A 168 -6.90 -16.91 7.67
CA LYS A 168 -6.36 -18.03 6.88
C LYS A 168 -7.24 -18.25 5.64
N ALA A 169 -8.55 -18.11 5.80
CA ALA A 169 -9.47 -18.32 4.66
C ALA A 169 -9.22 -17.20 3.56
N LEU A 170 -8.93 -15.99 4.00
CA LEU A 170 -8.63 -14.89 3.04
C LEU A 170 -7.32 -15.14 2.38
N PHE A 171 -6.26 -15.49 3.15
CA PHE A 171 -4.96 -15.78 2.51
C PHE A 171 -5.08 -16.95 1.52
N ASP A 172 -5.89 -17.98 1.86
CA ASP A 172 -6.06 -19.17 0.95
C ASP A 172 -6.70 -18.72 -0.34
N PHE A 173 -7.71 -17.87 -0.23
CA PHE A 173 -8.35 -17.28 -1.38
C PHE A 173 -7.39 -16.49 -2.27
N LEU A 174 -6.65 -15.55 -1.68
CA LEU A 174 -5.65 -14.75 -2.44
C LEU A 174 -4.65 -15.62 -3.22
N LYS A 175 -4.15 -16.69 -2.63
CA LYS A 175 -3.17 -17.54 -3.22
C LYS A 175 -3.76 -18.14 -4.51
N HIS A 176 -5.01 -18.59 -4.48
CA HIS A 176 -5.60 -19.16 -5.68
C HIS A 176 -6.02 -18.09 -6.68
N ARG A 177 -6.60 -17.00 -6.23
CA ARG A 177 -7.13 -16.02 -7.13
C ARG A 177 -5.99 -15.30 -7.95
N PHE A 178 -4.89 -14.96 -7.31
CA PHE A 178 -3.87 -14.14 -7.94
C PHE A 178 -2.62 -14.91 -8.30
N GLU A 179 -2.75 -16.23 -8.41
CA GLU A 179 -1.67 -17.12 -8.90
C GLU A 179 -0.99 -16.53 -10.17
N GLY A 180 0.34 -16.46 -10.10
CA GLY A 180 1.14 -15.89 -11.18
C GLY A 180 1.44 -14.39 -11.00
N ARG A 181 0.74 -13.76 -10.06
CA ARG A 181 0.81 -12.33 -9.88
C ARG A 181 1.05 -11.96 -8.42
N ILE A 182 1.29 -12.92 -7.55
CA ILE A 182 1.29 -12.58 -6.09
C ILE A 182 2.43 -13.33 -5.39
N SER A 183 2.94 -12.73 -4.31
CA SER A 183 3.81 -13.40 -3.38
CA SER A 183 3.81 -13.42 -3.36
C SER A 183 3.20 -13.20 -2.00
N ILE A 184 2.97 -14.29 -1.31
CA ILE A 184 2.42 -14.20 0.00
C ILE A 184 3.52 -14.73 0.93
N THR A 185 3.86 -14.03 2.01
CA THR A 185 5.04 -14.44 2.80
C THR A 185 4.73 -14.15 4.27
N ARG A 186 5.15 -15.04 5.14
CA ARG A 186 5.02 -14.78 6.53
C ARG A 186 6.15 -13.89 7.00
N VAL A 187 5.87 -13.02 7.97
CA VAL A 187 6.83 -12.20 8.63
C VAL A 187 6.66 -12.33 10.12
N THR A 188 7.61 -13.00 10.77
CA THR A 188 7.54 -13.27 12.19
C THR A 188 8.30 -12.16 12.91
N ALA A 189 9.24 -11.47 12.22
CA ALA A 189 9.96 -10.36 12.84
C ALA A 189 9.03 -9.22 13.17
N ASP A 190 9.38 -8.49 14.24
CA ASP A 190 8.52 -7.35 14.62
C ASP A 190 8.84 -6.10 13.79
N ILE A 191 8.24 -6.07 12.62
CA ILE A 191 8.43 -4.94 11.69
C ILE A 191 7.81 -3.62 12.14
N SER A 192 7.08 -3.57 13.27
CA SER A 192 6.74 -2.26 13.84
C SER A 192 8.01 -1.52 14.35
N LEU A 193 9.12 -2.24 14.56
CA LEU A 193 10.37 -1.67 15.00
C LEU A 193 11.17 -1.02 13.92
N ALA A 194 10.70 -1.07 12.66
CA ALA A 194 11.41 -0.50 11.51
C ALA A 194 11.17 0.99 11.31
N LYS A 195 11.56 1.74 12.31
CA LYS A 195 11.55 3.21 12.28
C LYS A 195 12.92 3.70 12.77
N ARG A 196 13.36 4.88 12.32
CA ARG A 196 14.62 5.51 12.84
C ARG A 196 14.67 5.66 14.39
N SER A 197 13.51 6.02 15.00
CA SER A 197 13.26 5.99 16.51
C SER A 197 13.86 4.78 17.28
N VAL A 198 13.94 3.63 16.59
CA VAL A 198 14.45 2.37 17.08
C VAL A 198 15.85 1.95 16.48
N LEU A 199 16.07 2.08 15.17
CA LEU A 199 17.36 1.68 14.53
N ASN A 212 16.11 -4.66 22.91
CA ASN A 212 16.28 -5.38 21.62
C ASN A 212 17.76 -5.72 21.24
N THR A 213 18.08 -7.00 21.05
CA THR A 213 19.43 -7.38 20.62
C THR A 213 19.73 -6.78 19.25
N ARG A 214 21.02 -6.68 18.99
CA ARG A 214 21.55 -6.22 17.74
C ARG A 214 21.04 -7.15 16.61
N SER A 215 21.03 -8.44 16.93
CA SER A 215 20.65 -9.46 16.00
C SER A 215 19.16 -9.32 15.59
N SER A 216 18.29 -9.04 16.58
CA SER A 216 16.85 -8.91 16.27
C SER A 216 16.61 -7.68 15.45
N LEU A 217 17.27 -6.54 15.74
CA LEU A 217 17.10 -5.35 14.90
C LEU A 217 17.66 -5.50 13.50
N ALA A 218 18.77 -6.24 13.34
CA ALA A 218 19.26 -6.54 12.01
C ALA A 218 18.24 -7.41 11.26
N GLU A 219 17.60 -8.32 11.99
CA GLU A 219 16.63 -9.16 11.32
C GLU A 219 15.40 -8.34 10.84
N VAL A 220 14.94 -7.37 11.64
CA VAL A 220 13.87 -6.49 11.20
C VAL A 220 14.28 -5.79 9.89
N GLN A 221 15.48 -5.20 9.84
CA GLN A 221 15.96 -4.56 8.64
C GLN A 221 16.08 -5.49 7.48
N SER A 222 16.55 -6.69 7.70
CA SER A 222 16.60 -7.64 6.56
C SER A 222 15.19 -7.99 6.06
N GLU A 223 14.21 -8.04 6.95
CA GLU A 223 12.83 -8.29 6.50
C GLU A 223 12.23 -7.16 5.69
N ILE A 224 12.51 -5.92 6.10
CA ILE A 224 12.11 -4.75 5.30
C ILE A 224 12.71 -4.84 3.87
N GLU A 225 14.03 -5.05 3.80
CA GLU A 225 14.73 -5.16 2.58
C GLU A 225 14.14 -6.29 1.71
N ARG A 226 13.77 -7.42 2.28
CA ARG A 226 13.12 -8.51 1.54
C ARG A 226 11.79 -8.15 0.96
N ILE A 227 10.99 -7.42 1.71
CA ILE A 227 9.66 -6.98 1.28
C ILE A 227 9.80 -5.96 0.13
N PHE A 228 10.74 -5.04 0.24
CA PHE A 228 11.01 -4.13 -0.90
C PHE A 228 11.41 -4.95 -2.13
N GLU A 229 12.26 -5.97 -1.95
CA GLU A 229 12.71 -6.76 -3.09
C GLU A 229 11.60 -7.58 -3.77
N LEU A 230 10.68 -8.12 -2.96
CA LEU A 230 9.54 -8.88 -3.46
C LEU A 230 8.67 -8.04 -4.39
N ALA A 231 8.59 -6.77 -4.11
CA ALA A 231 7.76 -5.83 -4.88
C ALA A 231 8.44 -5.20 -6.09
N ARG A 232 9.75 -5.39 -6.22
CA ARG A 232 10.53 -4.63 -7.21
C ARG A 232 9.99 -4.85 -8.66
N THR A 233 9.56 -6.07 -8.96
CA THR A 233 9.06 -6.38 -10.33
C THR A 233 7.56 -6.24 -10.48
N LEU A 234 6.92 -5.60 -9.51
CA LEU A 234 5.54 -5.20 -9.58
C LEU A 234 4.54 -6.33 -9.44
N GLN A 235 4.94 -7.42 -8.78
CA GLN A 235 3.97 -8.41 -8.31
CA GLN A 235 3.98 -8.44 -8.31
C GLN A 235 3.23 -7.92 -7.09
N LEU A 236 2.01 -8.37 -6.88
CA LEU A 236 1.30 -8.06 -5.61
C LEU A 236 2.05 -8.72 -4.44
N VAL A 237 2.15 -8.07 -3.27
CA VAL A 237 2.89 -8.59 -2.17
C VAL A 237 1.89 -8.57 -0.97
N VAL A 238 1.75 -9.75 -0.36
CA VAL A 238 0.86 -9.96 0.78
C VAL A 238 1.69 -10.52 1.93
N LEU A 239 1.60 -9.85 3.08
CA LEU A 239 2.33 -10.25 4.22
C LEU A 239 1.41 -10.86 5.21
N ASP A 240 1.79 -12.01 5.78
CA ASP A 240 1.13 -12.49 6.99
C ASP A 240 2.02 -12.08 8.18
N ALA A 241 1.75 -10.90 8.72
CA ALA A 241 2.66 -10.23 9.67
C ALA A 241 2.19 -10.48 11.07
N ASP A 242 2.85 -11.44 11.73
CA ASP A 242 2.41 -11.95 13.01
C ASP A 242 2.20 -10.90 14.06
N THR A 243 3.03 -9.83 14.08
CA THR A 243 3.02 -8.87 15.20
C THR A 243 2.12 -7.63 14.96
N ILE A 244 1.56 -7.49 13.78
CA ILE A 244 0.77 -6.30 13.42
C ILE A 244 -0.73 -6.56 13.54
N ASN A 245 -1.31 -5.97 14.58
CA ASN A 245 -2.74 -6.00 14.89
C ASN A 245 -3.46 -4.69 14.71
N HIS A 246 -2.71 -3.63 14.42
CA HIS A 246 -3.31 -2.32 14.41
C HIS A 246 -2.51 -1.49 13.39
N PRO A 247 -3.17 -0.68 12.58
CA PRO A 247 -2.42 0.13 11.60
C PRO A 247 -1.41 1.11 12.12
N ALA A 248 -1.57 1.62 13.36
CA ALA A 248 -0.64 2.52 13.91
C ALA A 248 0.74 1.90 14.09
N GLN A 249 0.78 0.56 14.14
CA GLN A 249 2.02 -0.16 14.29
C GLN A 249 2.92 -0.09 13.01
N LEU A 250 2.37 0.31 11.86
CA LEU A 250 3.18 0.45 10.65
C LEU A 250 3.25 1.85 10.09
N SER A 251 2.48 2.75 10.69
CA SER A 251 2.32 4.11 10.19
C SER A 251 3.67 4.88 10.19
N LYS A 252 4.64 4.48 11.02
CA LYS A 252 5.88 5.22 11.05
C LYS A 252 6.97 4.50 10.28
N THR A 253 6.64 3.42 9.60
CA THR A 253 7.63 2.71 8.80
C THR A 253 7.56 3.25 7.39
N SER A 254 8.53 2.79 6.59
CA SER A 254 8.52 3.09 5.14
C SER A 254 7.82 2.03 4.29
N LEU A 255 7.06 1.13 4.92
CA LEU A 255 6.39 0.08 4.15
C LEU A 255 5.15 0.54 3.42
N ALA A 256 4.49 1.58 3.91
CA ALA A 256 3.30 2.13 3.29
C ALA A 256 2.30 1.00 2.89
N PRO A 257 1.98 0.11 3.84
CA PRO A 257 1.07 -0.95 3.49
C PRO A 257 -0.35 -0.57 3.02
N ILE A 258 -0.96 -1.56 2.33
CA ILE A 258 -2.38 -1.61 2.11
C ILE A 258 -2.95 -2.35 3.32
N ILE A 259 -3.59 -1.60 4.23
CA ILE A 259 -4.18 -2.14 5.41
C ILE A 259 -5.62 -2.60 5.10
N VAL A 260 -5.83 -3.89 5.32
CA VAL A 260 -7.10 -4.58 5.12
C VAL A 260 -7.69 -4.87 6.49
N TYR A 261 -8.76 -4.18 6.80
CA TYR A 261 -9.46 -4.33 8.06
C TYR A 261 -10.58 -5.39 7.91
N VAL A 262 -10.36 -6.56 8.50
CA VAL A 262 -11.38 -7.60 8.59
C VAL A 262 -12.21 -7.26 9.87
N LYS A 263 -13.36 -6.65 9.64
CA LYS A 263 -14.17 -5.98 10.67
C LYS A 263 -15.48 -6.78 10.97
N ILE A 264 -15.63 -7.18 12.25
CA ILE A 264 -16.89 -7.71 12.72
C ILE A 264 -17.60 -6.53 13.41
N SER A 265 -18.64 -6.05 12.75
CA SER A 265 -19.36 -4.83 13.17
C SER A 265 -19.94 -4.89 14.54
N SER A 266 -20.52 -6.03 14.93
CA SER A 266 -21.07 -6.19 16.30
C SER A 266 -20.15 -6.89 17.33
N PRO A 267 -19.85 -6.23 18.47
CA PRO A 267 -19.09 -6.94 19.50
C PRO A 267 -19.76 -8.19 20.05
N LYS A 268 -21.08 -8.21 20.05
CA LYS A 268 -21.83 -9.36 20.51
C LYS A 268 -21.56 -10.55 19.63
N VAL A 269 -21.50 -10.35 18.33
CA VAL A 269 -21.15 -11.40 17.38
C VAL A 269 -19.73 -11.93 17.64
N LEU A 270 -18.76 -11.02 17.72
CA LEU A 270 -17.39 -11.43 18.07
C LEU A 270 -17.31 -12.27 19.31
N GLN A 271 -17.95 -11.82 20.39
CA GLN A 271 -17.95 -12.57 21.61
C GLN A 271 -18.46 -13.98 21.42
N ARG A 272 -19.58 -14.13 20.74
CA ARG A 272 -20.15 -15.44 20.46
C ARG A 272 -19.28 -16.26 19.54
N LEU A 273 -18.59 -15.64 18.60
CA LEU A 273 -17.61 -16.43 17.79
CA LEU A 273 -17.62 -16.38 17.77
C LEU A 273 -16.45 -16.95 18.61
N ILE A 274 -15.94 -16.15 19.54
CA ILE A 274 -14.88 -16.60 20.43
C ILE A 274 -15.36 -17.82 21.27
N LYS A 275 -16.57 -17.65 21.82
CA LYS A 275 -17.19 -18.75 22.55
C LYS A 275 -17.40 -20.00 21.76
N SER A 276 -17.71 -19.86 20.47
CA SER A 276 -17.80 -21.05 19.59
C SER A 276 -16.53 -21.83 19.53
N ARG A 277 -15.36 -21.24 19.88
CA ARG A 277 -14.10 -21.98 19.83
C ARG A 277 -13.78 -22.67 21.15
N GLY A 278 -14.70 -22.60 22.09
CA GLY A 278 -14.58 -23.40 23.34
C GLY A 278 -13.96 -22.55 24.47
N LYS A 279 -13.99 -23.12 25.66
CA LYS A 279 -13.50 -22.44 26.88
C LYS A 279 -12.04 -22.11 26.83
N SER A 280 -11.24 -22.90 26.09
CA SER A 280 -9.82 -22.62 25.96
C SER A 280 -9.53 -21.25 25.23
N GLN A 281 -10.42 -20.82 24.36
CA GLN A 281 -10.34 -19.49 23.69
C GLN A 281 -11.12 -18.44 24.42
N ALA A 282 -12.25 -18.87 24.99
CA ALA A 282 -13.13 -17.92 25.66
C ALA A 282 -12.52 -17.39 26.93
N LYS A 283 -11.56 -18.12 27.50
CA LYS A 283 -10.88 -17.59 28.71
C LYS A 283 -10.02 -16.34 28.37
N HIS A 284 -9.70 -16.19 27.08
CA HIS A 284 -9.04 -15.02 26.57
C HIS A 284 -9.96 -14.02 25.95
N LEU A 285 -11.23 -13.99 26.37
CA LEU A 285 -12.21 -13.08 25.74
C LEU A 285 -11.80 -11.61 25.83
N ASN A 286 -11.43 -11.16 27.04
CA ASN A 286 -11.22 -9.75 27.24
C ASN A 286 -10.18 -9.16 26.36
N VAL A 287 -9.02 -9.77 26.30
CA VAL A 287 -7.94 -9.19 25.46
C VAL A 287 -8.35 -9.10 23.97
N GLN A 288 -9.12 -10.11 23.50
CA GLN A 288 -9.64 -10.13 22.13
C GLN A 288 -10.67 -9.03 21.91
N MET A 289 -11.61 -8.83 22.86
CA MET A 289 -12.60 -7.76 22.72
C MET A 289 -12.01 -6.34 22.75
N VAL A 290 -11.08 -6.10 23.65
CA VAL A 290 -10.34 -4.80 23.71
C VAL A 290 -9.65 -4.52 22.41
N ALA A 291 -8.96 -5.48 21.84
CA ALA A 291 -8.27 -5.29 20.56
C ALA A 291 -9.20 -4.92 19.41
N ALA A 292 -10.33 -5.64 19.31
CA ALA A 292 -11.39 -5.32 18.29
C ALA A 292 -11.97 -3.93 18.53
N ASP A 293 -12.17 -3.54 19.80
CA ASP A 293 -12.67 -2.19 20.04
C ASP A 293 -11.66 -1.10 19.63
N LYS A 294 -10.37 -1.33 19.87
CA LYS A 294 -9.34 -0.39 19.38
C LYS A 294 -9.38 -0.19 17.87
N LEU A 295 -9.59 -1.29 17.10
CA LEU A 295 -9.75 -1.13 15.67
C LEU A 295 -10.98 -0.28 15.33
N ALA A 296 -12.07 -0.54 16.03
CA ALA A 296 -13.30 0.18 15.79
C ALA A 296 -13.22 1.68 16.15
N GLN A 297 -12.32 2.04 17.04
CA GLN A 297 -12.07 3.45 17.44
CA GLN A 297 -12.21 3.45 17.38
C GLN A 297 -11.23 4.23 16.45
N CYS A 298 -10.55 3.55 15.50
CA CYS A 298 -9.77 4.27 14.51
C CYS A 298 -10.65 5.11 13.57
N PRO A 299 -10.16 6.33 13.15
CA PRO A 299 -10.68 7.10 11.96
C PRO A 299 -10.42 6.33 10.66
N PRO A 300 -11.50 5.84 10.09
CA PRO A 300 -11.39 4.73 9.19
C PRO A 300 -10.74 5.12 7.92
N GLN A 301 -11.09 6.29 7.36
CA GLN A 301 -10.62 6.70 6.04
C GLN A 301 -9.10 6.86 6.05
N GLU A 302 -8.55 7.39 7.13
CA GLU A 302 -7.14 7.57 7.25
C GLU A 302 -6.42 6.30 7.71
N SER A 303 -7.10 5.37 8.39
CA SER A 303 -6.42 4.21 8.98
C SER A 303 -6.37 2.94 8.10
N PHE A 304 -7.38 2.78 7.24
CA PHE A 304 -7.58 1.53 6.51
C PHE A 304 -7.73 1.78 5.03
N ASP A 305 -7.12 0.92 4.21
CA ASP A 305 -7.30 0.96 2.78
C ASP A 305 -8.56 0.23 2.29
N VAL A 306 -8.94 -0.84 2.96
CA VAL A 306 -10.10 -1.64 2.55
C VAL A 306 -10.70 -2.15 3.84
N ILE A 307 -12.02 -2.08 3.96
CA ILE A 307 -12.71 -2.59 5.12
C ILE A 307 -13.61 -3.70 4.69
N LEU A 308 -13.40 -4.89 5.23
CA LEU A 308 -14.19 -6.09 4.89
C LEU A 308 -15.12 -6.33 6.04
N ASP A 309 -16.30 -5.75 5.92
CA ASP A 309 -17.29 -5.97 6.96
C ASP A 309 -18.42 -6.87 6.55
N GLU A 310 -18.24 -7.62 5.47
CA GLU A 310 -19.22 -8.56 4.98
C GLU A 310 -19.19 -9.79 5.86
N ASN A 311 -20.36 -10.34 6.16
CA ASN A 311 -20.44 -11.57 6.95
C ASN A 311 -20.35 -12.89 6.21
N GLN A 312 -20.19 -12.85 4.89
CA GLN A 312 -19.99 -14.03 4.07
C GLN A 312 -18.61 -14.01 3.46
N LEU A 313 -17.86 -15.08 3.66
CA LEU A 313 -16.53 -15.24 3.11
C LEU A 313 -16.52 -14.90 1.62
N GLU A 314 -17.48 -15.38 0.84
CA GLU A 314 -17.54 -15.12 -0.61
C GLU A 314 -17.54 -13.59 -0.93
N ASP A 315 -18.33 -12.83 -0.19
CA ASP A 315 -18.48 -11.45 -0.44
C ASP A 315 -17.27 -10.68 0.04
N ALA A 316 -16.69 -11.07 1.17
CA ALA A 316 -15.49 -10.40 1.66
C ALA A 316 -14.32 -10.65 0.65
N CYS A 317 -14.20 -11.88 0.20
CA CYS A 317 -13.16 -12.23 -0.82
C CYS A 317 -13.32 -11.46 -2.12
N GLU A 318 -14.52 -11.38 -2.65
CA GLU A 318 -14.74 -10.65 -3.93
C GLU A 318 -14.52 -9.16 -3.75
N HIS A 319 -14.81 -8.59 -2.58
CA HIS A 319 -14.51 -7.20 -2.34
C HIS A 319 -12.99 -6.96 -2.35
N LEU A 320 -12.24 -7.84 -1.69
CA LEU A 320 -10.78 -7.69 -1.60
C LEU A 320 -10.16 -7.91 -3.00
N ALA A 321 -10.70 -8.87 -3.73
CA ALA A 321 -10.17 -9.18 -5.07
C ALA A 321 -10.43 -7.97 -6.00
N ASP A 322 -11.62 -7.40 -5.93
CA ASP A 322 -11.93 -6.22 -6.73
C ASP A 322 -10.98 -5.05 -6.40
N TYR A 323 -10.75 -4.81 -5.12
CA TYR A 323 -9.75 -3.81 -4.74
C TYR A 323 -8.35 -4.04 -5.31
N LEU A 324 -7.85 -5.26 -5.18
CA LEU A 324 -6.53 -5.61 -5.63
C LEU A 324 -6.43 -5.65 -7.17
N GLU A 325 -7.52 -5.97 -7.86
CA GLU A 325 -7.49 -5.84 -9.33
C GLU A 325 -7.39 -4.42 -9.75
N ALA A 326 -8.06 -3.53 -9.01
CA ALA A 326 -8.02 -2.12 -9.31
C ALA A 326 -6.59 -1.58 -9.09
N TYR A 327 -5.97 -2.08 -8.03
CA TYR A 327 -4.58 -1.71 -7.69
C TYR A 327 -3.61 -2.26 -8.74
N TRP A 328 -3.82 -3.49 -9.22
CA TRP A 328 -3.08 -4.04 -10.37
C TRP A 328 -3.13 -3.12 -11.58
N LYS A 329 -4.33 -2.71 -12.00
CA LYS A 329 -4.48 -1.73 -13.07
C LYS A 329 -3.74 -0.41 -12.81
N ALA A 330 -3.83 0.15 -11.60
CA ALA A 330 -3.18 1.39 -11.29
C ALA A 330 -1.63 1.31 -11.49
N THR A 331 -1.07 0.17 -11.11
CA THR A 331 0.37 -0.09 -11.11
C THR A 331 0.88 -0.63 -12.42
N HIS A 332 -0.02 -1.10 -13.27
CA HIS A 332 0.39 -1.75 -14.56
C HIS A 332 -0.31 -1.08 -15.72
N PRO A 333 0.08 0.14 -16.05
CA PRO A 333 -0.57 0.81 -17.15
C PRO A 333 -0.24 0.11 -18.52
N PRO A 334 -1.20 0.03 -19.40
CA PRO A 334 -0.97 -0.63 -20.70
C PRO A 334 0.23 -0.02 -21.49
N SER A 335 0.40 1.28 -21.38
CA SER A 335 1.56 2.03 -21.96
C SER A 335 2.92 1.47 -21.59
N SER A 336 3.00 0.66 -20.52
CA SER A 336 4.28 0.10 -20.09
C SER A 336 4.81 -0.98 -21.03
N ASN A 337 4.00 -1.54 -21.94
CA ASN A 337 4.55 -2.21 -23.16
C ASN A 337 3.80 -1.89 -24.45
N LEU A 338 4.57 -1.71 -25.51
CA LEU A 338 3.98 -1.40 -26.82
C LEU A 338 3.57 -2.75 -27.43
N PRO A 339 2.40 -2.81 -28.14
CA PRO A 339 2.13 -4.07 -28.90
C PRO A 339 3.27 -4.30 -29.92
N ASN A 340 3.55 -5.54 -30.31
CA ASN A 340 4.54 -5.78 -31.38
C ASN A 340 3.69 -6.25 -32.57
N PRO A 341 3.41 -5.35 -33.57
CA PRO A 341 2.46 -5.73 -34.64
C PRO A 341 2.67 -7.17 -35.24
N LEU A 342 1.60 -7.98 -35.39
CA LEU A 342 1.71 -9.24 -36.16
C LEU A 342 2.06 -8.88 -37.64
N LEU A 343 1.24 -8.04 -38.27
CA LEU A 343 1.40 -7.65 -39.68
C LEU A 343 2.13 -6.29 -39.91
N SER A 344 3.01 -6.24 -40.91
CA SER A 344 3.58 -4.96 -41.32
C SER A 344 2.67 -4.28 -42.38
N ARG A 345 2.77 -2.97 -42.57
CA ARG A 345 1.90 -2.26 -43.55
C ARG A 345 2.29 -2.48 -45.00
N THR A 346 3.57 -2.77 -45.23
CA THR A 346 4.15 -3.02 -46.58
C THR A 346 5.09 -4.29 -46.59
N ALA B 1 -33.90 -15.37 10.17
CA ALA B 1 -33.04 -15.08 11.36
C ALA B 1 -32.81 -13.58 11.47
N SER B 2 -32.57 -13.12 12.71
CA SER B 2 -32.17 -11.72 12.99
C SER B 2 -30.79 -11.40 12.36
N PRO B 3 -30.53 -10.11 12.02
CA PRO B 3 -29.20 -9.69 11.49
C PRO B 3 -28.03 -10.22 12.30
N LEU B 4 -28.12 -10.17 13.63
CA LEU B 4 -27.04 -10.73 14.44
C LEU B 4 -26.87 -12.26 14.33
N GLU B 5 -27.97 -13.01 14.20
CA GLU B 5 -27.91 -14.43 13.98
C GLU B 5 -27.38 -14.75 12.59
N GLU B 6 -27.78 -13.93 11.59
CA GLU B 6 -27.27 -14.08 10.21
C GLU B 6 -25.75 -13.80 10.21
N ASP B 7 -25.31 -12.77 10.95
CA ASP B 7 -23.85 -12.41 11.03
C ASP B 7 -23.12 -13.58 11.59
N LEU B 8 -23.60 -14.03 12.71
CA LEU B 8 -23.00 -15.15 13.36
C LEU B 8 -22.91 -16.42 12.52
N CYS B 9 -24.00 -16.82 11.88
CA CYS B 9 -23.93 -17.95 10.97
C CYS B 9 -22.87 -17.77 9.84
N GLY B 10 -22.89 -16.60 9.19
CA GLY B 10 -21.94 -16.30 8.06
C GLY B 10 -20.48 -16.46 8.57
N TYR B 11 -20.17 -15.91 9.73
CA TYR B 11 -18.81 -15.99 10.32
C TYR B 11 -18.42 -17.39 10.74
N LEU B 12 -19.39 -18.16 11.30
CA LEU B 12 -19.10 -19.54 11.68
C LEU B 12 -18.83 -20.36 10.40
N CYS B 13 -19.57 -20.06 9.35
CA CYS B 13 -19.35 -20.79 8.08
C CYS B 13 -17.94 -20.45 7.48
N TRP B 14 -17.62 -19.17 7.52
CA TRP B 14 -16.27 -18.64 7.14
C TRP B 14 -15.15 -19.43 7.88
N ILE B 15 -15.27 -19.51 9.21
CA ILE B 15 -14.32 -20.30 10.01
C ILE B 15 -14.19 -21.79 9.61
N THR B 16 -15.31 -22.45 9.24
CA THR B 16 -15.27 -23.83 8.82
C THR B 16 -14.47 -23.99 7.51
N GLN B 17 -14.49 -22.96 6.68
CA GLN B 17 -13.80 -22.98 5.36
C GLN B 17 -12.36 -22.84 5.52
N ALA B 18 -11.89 -22.43 6.70
CA ALA B 18 -10.48 -22.42 6.92
C ALA B 18 -9.87 -23.79 7.22
N GLU B 19 -10.66 -24.80 7.59
CA GLU B 19 -10.10 -26.09 8.12
C GLU B 19 -9.61 -27.01 7.03
CL CL C . 20.20 11.09 -6.48
C1 8VY D . -24.25 -22.10 9.02
C2 8VY D . -22.91 -22.32 8.72
C3 8VY D . -22.49 -23.12 7.60
C4 8VY D . -23.50 -23.74 6.84
C5 8VY D . -24.86 -23.50 7.15
C6 8VY D . -25.24 -22.69 8.23
C1' 8VY D . -24.77 -21.16 10.13
C3' 8VY D . -21.05 -23.21 7.07
#